data_6CBG
#
_entry.id   6CBG
#
_cell.length_a   68.331
_cell.length_b   68.258
_cell.length_c   86.753
_cell.angle_alpha   90.00
_cell.angle_beta   90.00
_cell.angle_gamma   90.00
#
_symmetry.space_group_name_H-M   'P 21 21 21'
#
loop_
_entity.id
_entity.type
_entity.pdbx_description
1 polymer 'Macrophage migration inhibitory factor'
2 non-polymer 'SULFATE ION'
3 non-polymer GLYCEROL
4 non-polymer '3-(1H-pyrazol-4-yl)benzoic acid'
5 water water
#
_entity_poly.entity_id   1
_entity_poly.type   'polypeptide(L)'
_entity_poly.pdbx_seq_one_letter_code
;PMFIVNTNVPRASVPDGFLSELTQQLAQATGKPPQYIAVHVVPDQLMAFGGSSEPCALCSLHSIGKIGGAQNRSYSKLLC
GLLAERLRISPDRVYINYYDMNAANVGWNNSTFA
;
_entity_poly.pdbx_strand_id   A,B,C
#
# COMPACT_ATOMS: atom_id res chain seq x y z
N PRO A 1 -14.92 0.69 4.26
CA PRO A 1 -13.59 0.40 4.78
C PRO A 1 -12.83 -0.61 3.96
N MET A 2 -11.50 -0.55 4.05
CA MET A 2 -10.59 -1.37 3.27
C MET A 2 -9.53 -1.92 4.23
N PHE A 3 -9.37 -3.24 4.28
CA PHE A 3 -8.38 -3.86 5.14
C PHE A 3 -7.41 -4.68 4.31
N ILE A 4 -6.12 -4.37 4.43
CA ILE A 4 -5.09 -5.12 3.74
C ILE A 4 -4.14 -5.80 4.74
N VAL A 5 -3.83 -7.08 4.51
CA VAL A 5 -2.82 -7.83 5.26
C VAL A 5 -1.72 -8.36 4.34
N ASN A 6 -0.49 -7.95 4.62
CA ASN A 6 0.70 -8.51 3.98
C ASN A 6 1.41 -9.36 4.99
N THR A 7 1.77 -10.58 4.61
CA THR A 7 2.36 -11.53 5.56
C THR A 7 3.30 -12.48 4.85
N ASN A 8 4.30 -12.95 5.59
CA ASN A 8 5.23 -14.00 5.13
C ASN A 8 4.69 -15.41 5.36
N VAL A 9 3.52 -15.53 5.97
CA VAL A 9 2.85 -16.82 6.12
C VAL A 9 2.49 -17.37 4.72
N PRO A 10 2.65 -18.70 4.50
CA PRO A 10 2.35 -19.24 3.16
C PRO A 10 0.87 -19.25 2.81
N ARG A 11 0.54 -19.13 1.52
CA ARG A 11 -0.86 -19.17 1.06
C ARG A 11 -1.61 -20.38 1.65
N ALA A 12 -0.98 -21.54 1.67
CA ALA A 12 -1.60 -22.76 2.21
C ALA A 12 -1.97 -22.65 3.69
N SER A 13 -1.30 -21.77 4.44
CA SER A 13 -1.63 -21.53 5.83
C SER A 13 -2.77 -20.53 6.05
N VAL A 14 -3.28 -19.91 4.98
CA VAL A 14 -4.44 -19.06 5.08
C VAL A 14 -5.69 -19.95 5.00
N PRO A 15 -6.48 -20.04 6.08
CA PRO A 15 -7.62 -20.97 6.03
C PRO A 15 -8.75 -20.53 5.09
N ASP A 16 -9.45 -21.52 4.55
CA ASP A 16 -10.66 -21.28 3.81
C ASP A 16 -11.64 -20.47 4.67
N GLY A 17 -12.27 -19.47 4.06
CA GLY A 17 -13.21 -18.60 4.77
C GLY A 17 -12.63 -17.35 5.39
N PHE A 18 -11.33 -17.15 5.25
CA PHE A 18 -10.66 -16.06 5.94
C PHE A 18 -11.09 -14.67 5.49
N LEU A 19 -11.20 -14.47 4.18
N LEU A 19 -11.21 -14.46 4.18
CA LEU A 19 -11.69 -13.19 3.63
CA LEU A 19 -11.66 -13.15 3.67
C LEU A 19 -13.10 -12.86 4.14
C LEU A 19 -13.12 -12.84 4.07
N SER A 20 -13.97 -13.87 4.13
CA SER A 20 -15.34 -13.70 4.62
CA SER A 20 -15.34 -13.70 4.62
C SER A 20 -15.35 -13.32 6.10
N GLU A 21 -14.53 -13.99 6.90
CA GLU A 21 -14.48 -13.73 8.34
C GLU A 21 -14.03 -12.28 8.58
N LEU A 22 -12.98 -11.87 7.89
CA LEU A 22 -12.52 -10.48 7.97
C LEU A 22 -13.64 -9.54 7.59
N THR A 23 -14.32 -9.82 6.49
CA THR A 23 -15.41 -8.95 6.02
C THR A 23 -16.50 -8.78 7.09
N GLN A 24 -16.91 -9.90 7.65
CA GLN A 24 -18.00 -9.94 8.64
C GLN A 24 -17.61 -9.21 9.91
N GLN A 25 -16.41 -9.51 10.42
CA GLN A 25 -15.92 -8.94 11.65
C GLN A 25 -15.63 -7.44 11.53
N LEU A 26 -15.13 -7.00 10.38
CA LEU A 26 -14.89 -5.58 10.16
C LEU A 26 -16.17 -4.77 10.00
N ALA A 27 -17.19 -5.37 9.38
CA ALA A 27 -18.50 -4.71 9.29
C ALA A 27 -19.05 -4.42 10.67
N GLN A 28 -19.02 -5.44 11.52
CA GLN A 28 -19.48 -5.31 12.88
C GLN A 28 -18.65 -4.36 13.72
N ALA A 29 -17.33 -4.44 13.64
CA ALA A 29 -16.48 -3.54 14.43
C ALA A 29 -16.60 -2.09 13.97
N THR A 30 -16.68 -1.85 12.67
CA THR A 30 -16.78 -0.46 12.18
C THR A 30 -18.20 0.08 12.14
N GLY A 31 -19.20 -0.78 12.30
CA GLY A 31 -20.60 -0.36 12.17
C GLY A 31 -21.04 -0.05 10.74
N LYS A 32 -20.28 -0.49 9.75
CA LYS A 32 -20.56 -0.20 8.34
C LYS A 32 -21.21 -1.41 7.70
N PRO A 33 -22.03 -1.20 6.65
CA PRO A 33 -22.61 -2.38 5.99
C PRO A 33 -21.53 -3.24 5.32
N PRO A 34 -21.70 -4.58 5.36
CA PRO A 34 -20.69 -5.46 4.74
C PRO A 34 -20.41 -5.21 3.26
N GLN A 35 -21.40 -4.69 2.51
CA GLN A 35 -21.23 -4.35 1.10
C GLN A 35 -20.14 -3.28 0.85
N TYR A 36 -19.83 -2.46 1.84
CA TYR A 36 -18.76 -1.45 1.74
C TYR A 36 -17.39 -1.90 2.27
N ILE A 37 -17.28 -3.15 2.73
CA ILE A 37 -16.04 -3.65 3.32
C ILE A 37 -15.29 -4.38 2.22
N ALA A 38 -14.05 -3.95 2.00
CA ALA A 38 -13.12 -4.61 1.09
C ALA A 38 -11.93 -5.14 1.88
N VAL A 39 -11.50 -6.35 1.51
CA VAL A 39 -10.45 -7.07 2.23
CA VAL A 39 -10.46 -7.10 2.24
C VAL A 39 -9.48 -7.66 1.21
N HIS A 40 -8.19 -7.68 1.57
CA HIS A 40 -7.13 -8.07 0.64
C HIS A 40 -6.06 -8.74 1.47
N VAL A 41 -5.74 -10.00 1.16
N VAL A 41 -5.76 -10.01 1.19
CA VAL A 41 -4.74 -10.76 1.90
CA VAL A 41 -4.72 -10.75 1.92
C VAL A 41 -3.62 -11.13 0.93
C VAL A 41 -3.63 -11.13 0.94
N VAL A 42 -2.38 -10.85 1.32
CA VAL A 42 -1.20 -11.06 0.48
C VAL A 42 -0.22 -11.94 1.22
N PRO A 43 -0.27 -13.25 0.95
CA PRO A 43 0.65 -14.19 1.58
C PRO A 43 1.99 -14.31 0.86
N ASP A 44 2.86 -15.13 1.43
CA ASP A 44 4.15 -15.51 0.85
C ASP A 44 5.11 -14.34 0.64
N GLN A 45 4.98 -13.30 1.46
CA GLN A 45 5.77 -12.12 1.28
C GLN A 45 7.16 -12.22 1.88
N LEU A 46 8.09 -11.52 1.25
CA LEU A 46 9.46 -11.43 1.71
C LEU A 46 9.47 -10.26 2.68
N MET A 47 9.48 -10.55 3.98
CA MET A 47 9.45 -9.48 4.96
C MET A 47 10.13 -9.89 6.25
N ALA A 48 10.51 -8.88 7.02
CA ALA A 48 11.03 -9.08 8.36
C ALA A 48 10.40 -8.08 9.31
N PHE A 49 10.35 -8.46 10.58
CA PHE A 49 9.79 -7.63 11.63
C PHE A 49 10.81 -7.75 12.75
N GLY A 50 11.40 -6.63 13.17
CA GLY A 50 12.49 -6.66 14.15
C GLY A 50 13.72 -7.42 13.72
N GLY A 51 13.95 -7.51 12.40
CA GLY A 51 15.05 -8.30 11.85
C GLY A 51 14.78 -9.78 11.69
N SER A 52 13.66 -10.28 12.21
CA SER A 52 13.31 -11.71 12.19
C SER A 52 12.31 -12.04 11.08
N SER A 53 12.51 -13.17 10.41
CA SER A 53 11.57 -13.67 9.39
C SER A 53 10.56 -14.69 9.97
N GLU A 54 10.41 -14.75 11.30
CA GLU A 54 9.34 -15.55 11.89
CA GLU A 54 9.32 -15.52 11.94
C GLU A 54 7.99 -14.94 11.47
N PRO A 55 6.90 -15.70 11.60
CA PRO A 55 5.65 -15.16 11.06
C PRO A 55 5.31 -13.74 11.54
N CYS A 56 4.90 -12.88 10.61
CA CYS A 56 4.54 -11.50 10.90
C CYS A 56 3.52 -10.97 9.91
N ALA A 57 2.95 -9.82 10.24
CA ALA A 57 2.00 -9.14 9.36
C ALA A 57 2.15 -7.62 9.39
N LEU A 58 2.02 -7.01 8.21
CA LEU A 58 1.94 -5.54 8.09
C LEU A 58 0.60 -5.28 7.41
N CYS A 59 -0.26 -4.55 8.11
CA CYS A 59 -1.63 -4.35 7.73
C CYS A 59 -2.00 -2.91 7.69
N SER A 60 -3.09 -2.61 6.97
CA SER A 60 -3.66 -1.27 6.97
C SER A 60 -5.17 -1.32 7.00
N LEU A 61 -5.79 -0.39 7.71
CA LEU A 61 -7.24 -0.21 7.68
C LEU A 61 -7.51 1.25 7.32
N HIS A 62 -8.14 1.45 6.17
CA HIS A 62 -8.61 2.76 5.76
C HIS A 62 -10.11 2.79 5.94
N SER A 63 -10.62 3.88 6.48
CA SER A 63 -12.04 4.06 6.66
C SER A 63 -12.42 5.54 6.63
N ILE A 64 -13.62 5.85 6.10
CA ILE A 64 -14.19 7.20 6.19
C ILE A 64 -14.80 7.32 7.56
N GLY A 65 -14.06 7.94 8.48
CA GLY A 65 -14.49 8.01 9.87
C GLY A 65 -14.34 6.65 10.57
N LYS A 66 -14.88 6.57 11.79
CA LYS A 66 -14.74 5.41 12.68
C LYS A 66 -13.24 5.04 12.97
N ILE A 67 -12.38 6.05 13.01
CA ILE A 67 -10.97 5.88 13.31
C ILE A 67 -10.68 6.82 14.46
N GLY A 68 -10.04 6.31 15.51
CA GLY A 68 -9.71 7.14 16.66
C GLY A 68 -9.02 6.30 17.70
N GLY A 69 -8.50 6.96 18.74
CA GLY A 69 -7.75 6.30 19.81
C GLY A 69 -8.34 5.00 20.34
N ALA A 70 -9.57 5.08 20.87
CA ALA A 70 -10.22 3.91 21.47
C ALA A 70 -10.67 2.88 20.42
N GLN A 71 -11.26 3.36 19.33
CA GLN A 71 -11.68 2.48 18.24
C GLN A 71 -10.50 1.66 17.69
N ASN A 72 -9.39 2.34 17.46
CA ASN A 72 -8.17 1.69 16.93
C ASN A 72 -7.62 0.64 17.90
N ARG A 73 -7.66 0.91 19.22
CA ARG A 73 -7.34 -0.13 20.22
C ARG A 73 -8.24 -1.36 20.06
N SER A 74 -9.51 -1.10 19.86
N SER A 74 -9.57 -1.14 19.98
CA SER A 74 -10.46 -2.24 19.67
CA SER A 74 -10.59 -2.22 19.80
C SER A 74 -10.17 -3.02 18.40
C SER A 74 -10.27 -2.98 18.45
N TYR A 75 -10.01 -2.27 17.33
CA TYR A 75 -9.68 -2.91 16.03
C TYR A 75 -8.44 -3.77 16.15
N SER A 76 -7.42 -3.26 16.83
CA SER A 76 -6.16 -4.02 16.97
C SER A 76 -6.36 -5.31 17.76
N LYS A 77 -7.16 -5.25 18.82
CA LYS A 77 -7.48 -6.45 19.59
C LYS A 77 -8.19 -7.50 18.72
N LEU A 78 -9.21 -7.07 17.97
CA LEU A 78 -9.91 -7.95 17.04
C LEU A 78 -8.97 -8.54 15.99
N LEU A 79 -8.24 -7.66 15.30
CA LEU A 79 -7.47 -8.07 14.13
C LEU A 79 -6.26 -8.90 14.53
N CYS A 80 -5.54 -8.49 15.57
CA CYS A 80 -4.48 -9.34 16.11
C CYS A 80 -4.99 -10.70 16.58
N GLY A 81 -6.15 -10.71 17.25
CA GLY A 81 -6.80 -11.98 17.65
C GLY A 81 -7.09 -12.89 16.47
N LEU A 82 -7.63 -12.33 15.39
CA LEU A 82 -7.86 -13.10 14.16
C LEU A 82 -6.57 -13.59 13.50
N LEU A 83 -5.53 -12.76 13.48
CA LEU A 83 -4.27 -13.17 12.86
C LEU A 83 -3.60 -14.27 13.66
N ALA A 84 -3.70 -14.15 14.99
CA ALA A 84 -3.15 -15.15 15.87
C ALA A 84 -3.90 -16.48 15.73
N GLU A 85 -5.23 -16.40 15.82
CA GLU A 85 -6.09 -17.58 15.73
C GLU A 85 -5.97 -18.28 14.37
N ARG A 86 -6.03 -17.52 13.28
CA ARG A 86 -6.15 -18.10 11.94
C ARG A 86 -4.83 -18.31 11.20
N LEU A 87 -3.87 -17.40 11.39
CA LEU A 87 -2.58 -17.48 10.70
C LEU A 87 -1.42 -17.82 11.62
N ARG A 88 -1.69 -17.98 12.91
CA ARG A 88 -0.69 -18.31 13.91
C ARG A 88 0.42 -17.24 13.99
N ILE A 89 0.04 -15.98 13.85
CA ILE A 89 0.98 -14.83 13.93
C ILE A 89 0.85 -14.23 15.31
N SER A 90 1.97 -14.13 16.01
CA SER A 90 1.94 -13.52 17.34
C SER A 90 1.52 -12.04 17.20
N PRO A 91 0.60 -11.56 18.08
CA PRO A 91 0.19 -10.15 18.06
C PRO A 91 1.31 -9.11 18.11
N ASP A 92 2.42 -9.45 18.76
CA ASP A 92 3.55 -8.52 18.81
C ASP A 92 4.44 -8.55 17.55
N ARG A 93 4.04 -9.30 16.53
CA ARG A 93 4.69 -9.26 15.21
C ARG A 93 3.68 -8.79 14.16
N VAL A 94 2.76 -7.93 14.58
CA VAL A 94 1.76 -7.30 13.73
C VAL A 94 1.81 -5.79 13.89
N TYR A 95 1.91 -5.06 12.76
CA TYR A 95 1.60 -3.63 12.72
C TYR A 95 0.32 -3.44 11.89
N ILE A 96 -0.56 -2.55 12.36
CA ILE A 96 -1.76 -2.11 11.64
C ILE A 96 -1.75 -0.60 11.54
N ASN A 97 -1.66 -0.06 10.32
CA ASN A 97 -1.75 1.39 10.12
C ASN A 97 -3.19 1.78 9.88
N TYR A 98 -3.69 2.73 10.68
CA TYR A 98 -5.06 3.24 10.60
C TYR A 98 -5.09 4.58 9.87
N TYR A 99 -6.02 4.72 8.91
CA TYR A 99 -6.16 5.93 8.13
C TYR A 99 -7.61 6.39 8.12
N ASP A 100 -7.84 7.60 8.60
CA ASP A 100 -9.16 8.24 8.56
C ASP A 100 -9.22 9.05 7.27
N MET A 101 -9.95 8.52 6.28
CA MET A 101 -10.05 9.13 4.96
C MET A 101 -11.15 10.17 4.89
N ASN A 102 -10.85 11.30 4.26
CA ASN A 102 -11.89 12.26 3.92
C ASN A 102 -12.71 11.65 2.81
N ALA A 103 -14.03 11.80 2.92
CA ALA A 103 -14.97 11.25 1.96
C ALA A 103 -14.68 11.76 0.53
N ALA A 104 -14.21 13.00 0.40
CA ALA A 104 -13.79 13.57 -0.90
C ALA A 104 -12.57 12.88 -1.55
N ASN A 105 -11.81 12.12 -0.75
CA ASN A 105 -10.58 11.48 -1.20
C ASN A 105 -10.75 9.96 -1.36
N VAL A 106 -11.99 9.50 -1.39
CA VAL A 106 -12.30 8.11 -1.74
C VAL A 106 -13.21 8.08 -2.96
N GLY A 107 -12.69 7.56 -4.06
CA GLY A 107 -13.43 7.35 -5.28
C GLY A 107 -14.12 6.00 -5.27
N TRP A 108 -15.31 5.95 -5.84
CA TRP A 108 -16.11 4.73 -5.89
C TRP A 108 -17.21 4.96 -6.91
N ASN A 109 -17.44 3.97 -7.78
CA ASN A 109 -18.57 4.03 -8.70
C ASN A 109 -18.67 5.35 -9.48
N ASN A 110 -17.57 5.70 -10.15
CA ASN A 110 -17.47 6.90 -11.00
C ASN A 110 -17.50 8.26 -10.30
N SER A 111 -17.53 8.26 -8.98
CA SER A 111 -17.54 9.50 -8.22
C SER A 111 -16.76 9.32 -6.91
N THR A 112 -17.02 10.18 -5.93
CA THR A 112 -16.47 10.08 -4.60
C THR A 112 -17.63 10.07 -3.62
N PHE A 113 -17.31 9.84 -2.35
CA PHE A 113 -18.31 9.81 -1.29
C PHE A 113 -18.67 11.19 -0.72
N ALA A 114 -18.02 12.25 -1.18
CA ALA A 114 -18.29 13.62 -0.70
C ALA A 114 -19.70 14.07 -1.09
N PRO B 1 9.30 1.72 12.95
CA PRO B 1 9.01 2.19 11.60
C PRO B 1 8.89 1.03 10.62
N MET B 2 8.36 1.34 9.44
CA MET B 2 8.01 0.37 8.45
C MET B 2 8.47 0.88 7.09
N PHE B 3 9.22 0.06 6.37
CA PHE B 3 9.71 0.37 5.03
C PHE B 3 9.30 -0.71 4.03
N ILE B 4 8.67 -0.28 2.93
CA ILE B 4 8.17 -1.18 1.90
C ILE B 4 8.80 -0.77 0.56
N VAL B 5 9.30 -1.75 -0.20
CA VAL B 5 9.84 -1.54 -1.56
C VAL B 5 9.08 -2.41 -2.54
N ASN B 6 8.50 -1.78 -3.55
CA ASN B 6 7.90 -2.52 -4.66
C ASN B 6 8.74 -2.24 -5.87
N THR B 7 9.19 -3.30 -6.55
CA THR B 7 10.10 -3.16 -7.67
C THR B 7 9.82 -4.22 -8.75
N ASN B 8 10.17 -3.87 -9.98
CA ASN B 8 10.09 -4.80 -11.13
C ASN B 8 11.37 -5.64 -11.26
N VAL B 9 12.38 -5.37 -10.44
CA VAL B 9 13.59 -6.19 -10.43
C VAL B 9 13.18 -7.63 -10.01
N PRO B 10 13.76 -8.66 -10.63
CA PRO B 10 13.33 -10.01 -10.22
C PRO B 10 13.86 -10.46 -8.85
N ARG B 11 13.15 -11.41 -8.23
CA ARG B 11 13.50 -11.93 -6.89
C ARG B 11 14.96 -12.37 -6.84
N ALA B 12 15.42 -13.04 -7.89
CA ALA B 12 16.80 -13.55 -7.96
C ALA B 12 17.87 -12.46 -7.89
N SER B 13 17.54 -11.22 -8.26
CA SER B 13 18.44 -10.08 -8.13
C SER B 13 18.44 -9.41 -6.73
N VAL B 14 17.55 -9.81 -5.83
CA VAL B 14 17.59 -9.30 -4.46
C VAL B 14 18.67 -10.11 -3.71
N PRO B 15 19.80 -9.49 -3.33
CA PRO B 15 20.86 -10.31 -2.74
C PRO B 15 20.50 -10.83 -1.36
N ASP B 16 21.08 -11.97 -1.01
CA ASP B 16 21.04 -12.44 0.37
C ASP B 16 21.45 -11.34 1.34
N GLY B 17 20.73 -11.24 2.45
CA GLY B 17 21.04 -10.27 3.47
C GLY B 17 20.38 -8.91 3.32
N PHE B 18 19.57 -8.72 2.28
CA PHE B 18 19.02 -7.39 1.96
C PHE B 18 18.01 -6.90 3.01
N LEU B 19 17.12 -7.77 3.47
CA LEU B 19 16.15 -7.39 4.49
C LEU B 19 16.85 -7.01 5.77
N SER B 20 17.89 -7.76 6.12
CA SER B 20 18.70 -7.41 7.28
C SER B 20 19.40 -6.04 7.14
N GLU B 21 20.02 -5.77 5.98
CA GLU B 21 20.70 -4.50 5.77
C GLU B 21 19.72 -3.33 5.88
N LEU B 22 18.54 -3.47 5.27
CA LEU B 22 17.49 -2.45 5.40
C LEU B 22 17.13 -2.20 6.88
N THR B 23 16.90 -3.29 7.62
CA THR B 23 16.57 -3.22 9.03
C THR B 23 17.62 -2.44 9.81
N GLN B 24 18.88 -2.80 9.61
CA GLN B 24 20.00 -2.18 10.30
C GLN B 24 20.13 -0.71 9.96
N GLN B 25 20.12 -0.41 8.67
CA GLN B 25 20.31 0.96 8.21
C GLN B 25 19.16 1.91 8.61
N LEU B 26 17.93 1.40 8.54
CA LEU B 26 16.76 2.16 8.99
C LEU B 26 16.72 2.40 10.50
N ALA B 27 17.18 1.41 11.28
CA ALA B 27 17.29 1.58 12.73
C ALA B 27 18.21 2.76 13.02
N GLN B 28 19.38 2.75 12.39
CA GLN B 28 20.34 3.86 12.51
C GLN B 28 19.85 5.20 12.00
N ALA B 29 19.24 5.23 10.81
CA ALA B 29 18.74 6.48 10.24
C ALA B 29 17.59 7.10 11.06
N THR B 30 16.63 6.27 11.48
CA THR B 30 15.48 6.75 12.26
C THR B 30 15.78 6.96 13.74
N GLY B 31 16.90 6.42 14.21
CA GLY B 31 17.27 6.46 15.62
C GLY B 31 16.47 5.52 16.48
N LYS B 32 15.77 4.56 15.87
CA LYS B 32 14.86 3.67 16.59
C LYS B 32 15.44 2.26 16.62
N PRO B 33 15.15 1.50 17.68
CA PRO B 33 15.78 0.19 17.80
C PRO B 33 15.37 -0.76 16.66
N PRO B 34 16.28 -1.66 16.23
CA PRO B 34 15.93 -2.59 15.15
C PRO B 34 14.73 -3.47 15.43
N GLN B 35 14.49 -3.82 16.70
CA GLN B 35 13.28 -4.53 17.12
C GLN B 35 11.95 -3.87 16.67
N TYR B 36 11.97 -2.56 16.45
CA TYR B 36 10.81 -1.82 16.00
C TYR B 36 10.81 -1.50 14.49
N ILE B 37 11.75 -2.09 13.74
CA ILE B 37 11.84 -1.87 12.30
C ILE B 37 11.26 -3.10 11.58
N ALA B 38 10.30 -2.85 10.69
CA ALA B 38 9.72 -3.86 9.82
C ALA B 38 10.04 -3.50 8.38
N VAL B 39 10.38 -4.51 7.58
CA VAL B 39 10.74 -4.29 6.18
CA VAL B 39 10.78 -4.32 6.19
C VAL B 39 9.99 -5.29 5.31
N HIS B 40 9.67 -4.87 4.08
CA HIS B 40 8.90 -5.69 3.16
C HIS B 40 9.39 -5.34 1.74
N VAL B 41 9.86 -6.35 1.01
CA VAL B 41 10.40 -6.19 -0.33
C VAL B 41 9.54 -7.02 -1.25
N VAL B 42 9.04 -6.39 -2.31
CA VAL B 42 8.13 -7.04 -3.26
C VAL B 42 8.72 -6.94 -4.67
N PRO B 43 9.38 -8.02 -5.11
CA PRO B 43 10.00 -8.01 -6.45
C PRO B 43 9.05 -8.48 -7.56
N ASP B 44 9.56 -8.56 -8.79
CA ASP B 44 8.82 -9.05 -9.94
C ASP B 44 7.51 -8.31 -10.25
N GLN B 45 7.41 -7.04 -9.89
CA GLN B 45 6.16 -6.30 -10.08
C GLN B 45 6.00 -5.75 -11.50
N LEU B 46 4.74 -5.68 -11.93
CA LEU B 46 4.35 -5.06 -13.19
C LEU B 46 4.24 -3.54 -12.97
N MET B 47 5.27 -2.81 -13.38
CA MET B 47 5.41 -1.39 -13.08
CA MET B 47 5.46 -1.39 -13.07
C MET B 47 5.95 -0.64 -14.28
N ALA B 48 5.59 0.65 -14.36
CA ALA B 48 6.21 1.59 -15.29
C ALA B 48 6.56 2.82 -14.47
N PHE B 49 7.68 3.44 -14.78
CA PHE B 49 8.09 4.69 -14.16
C PHE B 49 8.40 5.64 -15.31
N GLY B 50 7.67 6.75 -15.41
CA GLY B 50 7.92 7.71 -16.48
C GLY B 50 7.64 7.17 -17.86
N GLY B 51 6.80 6.14 -17.96
CA GLY B 51 6.48 5.51 -19.24
C GLY B 51 7.31 4.31 -19.65
N SER B 52 8.34 3.96 -18.88
CA SER B 52 9.24 2.82 -19.22
C SER B 52 9.46 1.84 -18.06
N SER B 53 10.02 0.68 -18.38
CA SER B 53 10.12 -0.44 -17.43
C SER B 53 11.53 -0.93 -17.18
N GLU B 54 12.49 -0.03 -17.27
CA GLU B 54 13.81 -0.34 -16.75
C GLU B 54 13.67 -0.44 -15.22
N PRO B 55 14.69 -0.98 -14.54
CA PRO B 55 14.55 -1.12 -13.10
C PRO B 55 14.04 0.16 -12.40
N CYS B 56 13.03 0.01 -11.54
CA CYS B 56 12.50 1.09 -10.74
C CYS B 56 11.95 0.57 -9.41
N ALA B 57 11.62 1.50 -8.52
CA ALA B 57 11.03 1.15 -7.24
C ALA B 57 10.07 2.23 -6.77
N LEU B 58 8.96 1.77 -6.20
CA LEU B 58 8.01 2.64 -5.47
C LEU B 58 8.03 2.16 -4.03
N CYS B 59 8.35 3.08 -3.11
CA CYS B 59 8.64 2.72 -1.74
C CYS B 59 7.86 3.59 -0.78
N SER B 60 7.77 3.12 0.47
CA SER B 60 7.20 3.95 1.54
C SER B 60 7.92 3.75 2.87
N LEU B 61 8.03 4.84 3.64
CA LEU B 61 8.57 4.80 4.99
C LEU B 61 7.54 5.46 5.92
N HIS B 62 7.04 4.68 6.87
CA HIS B 62 6.06 5.11 7.85
C HIS B 62 6.80 5.12 9.18
N SER B 63 6.69 6.23 9.91
CA SER B 63 7.34 6.33 11.20
C SER B 63 6.49 7.20 12.09
N ILE B 64 6.53 6.93 13.40
CA ILE B 64 5.90 7.80 14.39
C ILE B 64 6.94 8.88 14.71
N GLY B 65 6.78 10.05 14.10
CA GLY B 65 7.79 11.10 14.19
C GLY B 65 9.02 10.72 13.38
N LYS B 66 10.09 11.50 13.52
CA LYS B 66 11.32 11.34 12.70
C LYS B 66 11.08 11.48 11.19
N ILE B 67 10.09 12.31 10.84
CA ILE B 67 9.70 12.57 9.48
C ILE B 67 9.72 14.09 9.31
N GLY B 68 10.46 14.57 8.32
CA GLY B 68 10.52 16.01 8.07
C GLY B 68 11.39 16.34 6.88
N GLY B 69 11.45 17.63 6.54
CA GLY B 69 12.19 18.11 5.38
C GLY B 69 13.61 17.58 5.29
N ALA B 70 14.43 17.90 6.29
CA ALA B 70 15.84 17.50 6.25
C ALA B 70 16.00 15.99 6.50
N GLN B 71 15.24 15.44 7.44
CA GLN B 71 15.32 13.98 7.68
C GLN B 71 14.97 13.17 6.42
N ASN B 72 13.91 13.58 5.71
CA ASN B 72 13.47 12.89 4.52
C ASN B 72 14.51 12.92 3.37
N ARG B 73 15.18 14.08 3.19
N ARG B 73 15.20 14.05 3.19
CA ARG B 73 16.34 14.20 2.30
CA ARG B 73 16.29 14.13 2.22
C ARG B 73 17.35 13.12 2.62
C ARG B 73 17.43 13.18 2.59
N SER B 74 17.73 13.06 3.88
CA SER B 74 18.72 12.12 4.38
C SER B 74 18.27 10.65 4.19
N TYR B 75 17.02 10.34 4.53
CA TYR B 75 16.46 9.00 4.22
C TYR B 75 16.52 8.65 2.73
N SER B 76 16.19 9.63 1.90
CA SER B 76 16.22 9.43 0.44
C SER B 76 17.63 9.12 -0.06
N LYS B 77 18.64 9.84 0.41
CA LYS B 77 20.02 9.53 0.04
C LYS B 77 20.42 8.12 0.48
N LEU B 78 20.13 7.79 1.73
CA LEU B 78 20.37 6.43 2.25
C LEU B 78 19.68 5.35 1.41
N LEU B 79 18.39 5.51 1.19
CA LEU B 79 17.60 4.42 0.60
C LEU B 79 17.87 4.30 -0.89
N CYS B 80 17.92 5.42 -1.62
CA CYS B 80 18.34 5.36 -3.04
C CYS B 80 19.73 4.73 -3.20
N GLY B 81 20.66 5.07 -2.32
C GLY B 81 22.21 2.88 -2.10
N LEU B 82 21.24 2.45 -1.27
CA LEU B 82 21.03 1.03 -1.04
C LEU B 82 20.39 0.35 -2.24
N LEU B 83 19.34 0.95 -2.78
CA LEU B 83 18.63 0.37 -3.92
C LEU B 83 19.52 0.33 -5.18
N ALA B 84 20.32 1.36 -5.37
CA ALA B 84 21.29 1.42 -6.48
C ALA B 84 22.39 0.38 -6.32
N GLU B 85 22.97 0.32 -5.13
CA GLU B 85 24.08 -0.61 -4.89
C GLU B 85 23.61 -2.06 -4.90
N ARG B 86 22.50 -2.36 -4.23
CA ARG B 86 22.05 -3.75 -4.09
C ARG B 86 21.14 -4.26 -5.21
N LEU B 87 20.23 -3.42 -5.71
CA LEU B 87 19.27 -3.85 -6.75
C LEU B 87 19.55 -3.25 -8.12
N ARG B 88 20.59 -2.45 -8.23
CA ARG B 88 21.00 -1.78 -9.49
C ARG B 88 19.87 -0.89 -10.07
N ILE B 89 19.13 -0.22 -9.18
CA ILE B 89 18.08 0.70 -9.62
C ILE B 89 18.65 2.12 -9.54
N SER B 90 18.50 2.86 -10.63
CA SER B 90 18.95 4.22 -10.69
C SER B 90 18.15 5.10 -9.71
N PRO B 91 18.81 6.00 -8.94
CA PRO B 91 18.05 6.83 -7.99
C PRO B 91 16.93 7.67 -8.59
N ASP B 92 17.05 8.05 -9.86
CA ASP B 92 16.03 8.82 -10.53
C ASP B 92 14.84 7.99 -11.01
N ARG B 93 14.85 6.68 -10.74
CA ARG B 93 13.68 5.84 -10.96
C ARG B 93 13.19 5.23 -9.63
N VAL B 94 13.34 6.02 -8.55
CA VAL B 94 12.81 5.66 -7.24
C VAL B 94 11.92 6.78 -6.70
N TYR B 95 10.71 6.43 -6.26
CA TYR B 95 9.90 7.29 -5.40
C TYR B 95 9.76 6.67 -4.02
N ILE B 96 9.87 7.50 -2.98
CA ILE B 96 9.73 7.07 -1.59
C ILE B 96 8.71 8.01 -0.98
N ASN B 97 7.57 7.47 -0.55
CA ASN B 97 6.56 8.24 0.14
C ASN B 97 6.79 8.15 1.64
N TYR B 98 6.87 9.31 2.31
CA TYR B 98 7.15 9.41 3.74
C TYR B 98 5.86 9.73 4.48
N TYR B 99 5.61 9.03 5.58
CA TYR B 99 4.39 9.18 6.34
C TYR B 99 4.72 9.32 7.81
N ASP B 100 4.32 10.45 8.39
CA ASP B 100 4.47 10.68 9.82
C ASP B 100 3.19 10.19 10.49
N MET B 101 3.24 9.01 11.09
CA MET B 101 2.06 8.42 11.74
C MET B 101 1.89 8.94 13.16
N ASN B 102 0.63 9.21 13.52
CA ASN B 102 0.27 9.45 14.93
C ASN B 102 0.29 8.08 15.66
N ALA B 103 0.82 8.05 16.89
CA ALA B 103 0.94 6.83 17.68
C ALA B 103 -0.38 6.09 17.86
N ALA B 104 -1.46 6.84 17.99
CA ALA B 104 -2.82 6.28 18.15
C ALA B 104 -3.29 5.56 16.90
N ASN B 105 -2.62 5.84 15.76
CA ASN B 105 -3.00 5.28 14.48
C ASN B 105 -2.09 4.14 14.02
N VAL B 106 -1.27 3.61 14.94
CA VAL B 106 -0.46 2.43 14.69
C VAL B 106 -0.84 1.36 15.71
N GLY B 107 -1.45 0.30 15.22
CA GLY B 107 -1.79 -0.87 16.00
C GLY B 107 -0.63 -1.84 16.09
N TRP B 108 -0.52 -2.49 17.25
CA TRP B 108 0.55 -3.46 17.55
C TRP B 108 0.18 -4.19 18.82
N ASN B 109 0.35 -5.51 18.85
CA ASN B 109 0.17 -6.30 20.06
C ASN B 109 -1.18 -6.07 20.79
N ASN B 110 -2.27 -6.13 20.03
CA ASN B 110 -3.66 -5.99 20.54
C ASN B 110 -4.04 -4.60 21.01
N SER B 111 -3.22 -3.59 20.75
CA SER B 111 -3.48 -2.22 21.16
C SER B 111 -2.88 -1.27 20.14
N THR B 112 -2.54 -0.04 20.57
CA THR B 112 -1.82 0.91 19.75
C THR B 112 -0.60 1.41 20.52
N PHE B 113 0.24 2.19 19.83
CA PHE B 113 1.40 2.83 20.45
C PHE B 113 1.05 4.11 21.25
N ALA B 114 -0.23 4.49 21.31
CA ALA B 114 -0.66 5.68 22.11
C ALA B 114 -0.25 5.53 23.58
N PRO C 1 3.26 11.91 -10.17
CA PRO C 1 2.25 11.22 -9.39
C PRO C 1 2.39 9.68 -9.54
N MET C 2 1.69 8.95 -8.68
CA MET C 2 1.80 7.50 -8.57
CA MET C 2 1.81 7.48 -8.61
C MET C 2 0.42 6.86 -8.56
N PHE C 3 0.17 5.88 -9.43
CA PHE C 3 -1.10 5.16 -9.45
C PHE C 3 -0.85 3.67 -9.26
N ILE C 4 -1.55 3.07 -8.30
CA ILE C 4 -1.42 1.65 -7.98
C ILE C 4 -2.81 1.03 -8.09
N VAL C 5 -2.91 -0.12 -8.75
CA VAL C 5 -4.14 -0.90 -8.76
C VAL C 5 -3.84 -2.33 -8.33
N ASN C 6 -4.58 -2.76 -7.31
CA ASN C 6 -4.58 -4.14 -6.87
C ASN C 6 -5.92 -4.75 -7.28
N THR C 7 -5.87 -5.87 -7.95
CA THR C 7 -7.10 -6.53 -8.44
C THR C 7 -6.98 -8.06 -8.36
N ASN C 8 -8.14 -8.70 -8.22
CA ASN C 8 -8.25 -10.18 -8.33
C ASN C 8 -8.37 -10.69 -9.78
N VAL C 9 -8.41 -9.76 -10.74
CA VAL C 9 -8.46 -10.08 -12.17
C VAL C 9 -7.12 -10.75 -12.55
N PRO C 10 -7.15 -11.85 -13.33
CA PRO C 10 -5.91 -12.53 -13.68
C PRO C 10 -4.96 -11.69 -14.55
N ARG C 11 -3.67 -11.98 -14.45
CA ARG C 11 -2.62 -11.30 -15.25
C ARG C 11 -2.93 -11.35 -16.77
N ALA C 12 -3.41 -12.50 -17.26
CA ALA C 12 -3.76 -12.67 -18.67
C ALA C 12 -4.92 -11.77 -19.13
N SER C 13 -5.77 -11.34 -18.21
CA SER C 13 -6.81 -10.37 -18.54
C SER C 13 -6.31 -8.90 -18.61
N VAL C 14 -5.06 -8.60 -18.23
CA VAL C 14 -4.56 -7.22 -18.32
C VAL C 14 -4.02 -6.99 -19.72
N PRO C 15 -4.65 -6.10 -20.52
CA PRO C 15 -4.17 -5.98 -21.92
C PRO C 15 -2.75 -5.43 -22.03
N ASP C 16 -2.00 -5.89 -23.03
CA ASP C 16 -0.74 -5.24 -23.43
C ASP C 16 -1.02 -3.77 -23.67
N GLY C 17 -0.15 -2.89 -23.16
CA GLY C 17 -0.33 -1.43 -23.28
C GLY C 17 -1.12 -0.76 -22.17
N PHE C 18 -1.56 -1.54 -21.17
CA PHE C 18 -2.39 -1.00 -20.12
C PHE C 18 -1.62 0.00 -19.27
N LEU C 19 -0.37 -0.30 -18.92
CA LEU C 19 0.47 0.63 -18.17
C LEU C 19 0.74 1.94 -18.95
N SER C 20 1.00 1.82 -20.24
CA SER C 20 1.23 3.01 -21.10
CA SER C 20 1.24 2.99 -21.10
C SER C 20 -0.02 3.86 -21.20
N GLU C 21 -1.18 3.22 -21.33
CA GLU C 21 -2.43 3.94 -21.38
C GLU C 21 -2.69 4.67 -20.05
N LEU C 22 -2.55 3.97 -18.93
CA LEU C 22 -2.67 4.62 -17.62
C LEU C 22 -1.71 5.82 -17.49
N THR C 23 -0.46 5.63 -17.93
CA THR C 23 0.55 6.69 -17.88
C THR C 23 0.10 7.93 -18.66
N GLN C 24 -0.25 7.73 -19.93
CA GLN C 24 -0.76 8.80 -20.78
C GLN C 24 -2.02 9.44 -20.20
N GLN C 25 -2.97 8.63 -19.73
CA GLN C 25 -4.23 9.20 -19.24
C GLN C 25 -4.06 10.00 -17.97
N LEU C 26 -3.22 9.48 -17.07
CA LEU C 26 -2.94 10.18 -15.82
C LEU C 26 -2.14 11.46 -16.03
N ALA C 27 -1.20 11.44 -16.97
CA ALA C 27 -0.43 12.65 -17.33
C ALA C 27 -1.38 13.78 -17.76
N GLN C 28 -2.29 13.43 -18.68
CA GLN C 28 -3.37 14.30 -19.14
C GLN C 28 -4.27 14.78 -18.01
N ALA C 29 -4.77 13.87 -17.17
CA ALA C 29 -5.70 14.27 -16.09
C ALA C 29 -5.05 15.14 -15.02
N THR C 30 -3.80 14.86 -14.66
CA THR C 30 -3.12 15.58 -13.58
C THR C 30 -2.41 16.84 -14.08
N GLY C 31 -2.26 16.98 -15.40
CA GLY C 31 -1.54 18.09 -15.99
C GLY C 31 -0.02 18.02 -15.84
N LYS C 32 0.50 16.85 -15.46
CA LYS C 32 1.94 16.68 -15.25
C LYS C 32 2.54 15.76 -16.33
N PRO C 33 3.83 15.94 -16.67
CA PRO C 33 4.39 15.18 -17.76
C PRO C 33 4.44 13.68 -17.48
N PRO C 34 4.34 12.85 -18.53
CA PRO C 34 4.38 11.39 -18.33
C PRO C 34 5.68 10.92 -17.66
N GLN C 35 6.76 11.68 -17.77
CA GLN C 35 8.02 11.30 -17.14
C GLN C 35 7.93 11.23 -15.61
N TYR C 36 6.95 11.93 -15.03
CA TYR C 36 6.71 11.94 -13.58
C TYR C 36 5.52 11.07 -13.13
N ILE C 37 5.03 10.21 -14.00
CA ILE C 37 3.91 9.32 -13.67
C ILE C 37 4.46 7.91 -13.51
N ALA C 38 4.21 7.31 -12.34
CA ALA C 38 4.56 5.91 -12.13
C ALA C 38 3.28 5.13 -11.97
N VAL C 39 3.23 3.93 -12.56
N VAL C 39 3.25 3.92 -12.53
CA VAL C 39 2.04 3.08 -12.50
CA VAL C 39 2.07 3.07 -12.50
C VAL C 39 2.44 1.66 -12.08
C VAL C 39 2.46 1.68 -12.04
N HIS C 40 1.61 1.05 -11.24
CA HIS C 40 1.87 -0.28 -10.67
C HIS C 40 0.56 -1.06 -10.64
N VAL C 41 0.56 -2.20 -11.34
CA VAL C 41 -0.61 -3.01 -11.54
C VAL C 41 -0.35 -4.36 -10.89
N VAL C 42 -1.23 -4.79 -9.98
CA VAL C 42 -1.04 -6.02 -9.23
C VAL C 42 -2.26 -6.93 -9.41
N PRO C 43 -2.18 -7.86 -10.38
CA PRO C 43 -3.24 -8.81 -10.65
C PRO C 43 -3.15 -10.08 -9.78
N ASP C 44 -4.09 -10.99 -9.98
CA ASP C 44 -4.13 -12.29 -9.28
C ASP C 44 -4.23 -12.20 -7.76
N GLN C 45 -4.77 -11.12 -7.22
CA GLN C 45 -4.80 -10.92 -5.77
C GLN C 45 -5.96 -11.62 -5.09
N LEU C 46 -5.73 -12.03 -3.85
N LEU C 46 -5.74 -12.05 -3.85
CA LEU C 46 -6.75 -12.64 -3.01
CA LEU C 46 -6.75 -12.67 -3.02
C LEU C 46 -7.52 -11.53 -2.33
C LEU C 46 -7.53 -11.55 -2.33
N MET C 47 -8.66 -11.16 -2.91
CA MET C 47 -9.46 -10.05 -2.37
C MET C 47 -10.94 -10.23 -2.50
N ALA C 48 -11.66 -9.42 -1.73
CA ALA C 48 -13.10 -9.43 -1.75
C ALA C 48 -13.61 -8.01 -1.55
N PHE C 49 -14.75 -7.73 -2.15
CA PHE C 49 -15.39 -6.43 -2.07
C PHE C 49 -16.83 -6.72 -1.72
N GLY C 50 -17.29 -6.22 -0.57
CA GLY C 50 -18.61 -6.60 -0.06
C GLY C 50 -18.81 -8.08 0.18
N GLY C 51 -17.75 -8.79 0.53
CA GLY C 51 -17.77 -10.23 0.74
C GLY C 51 -17.70 -11.05 -0.55
N SER C 52 -17.74 -10.39 -1.71
CA SER C 52 -17.79 -11.09 -3.00
C SER C 52 -16.41 -11.10 -3.66
N SER C 53 -16.05 -12.22 -4.29
CA SER C 53 -14.79 -12.36 -5.02
C SER C 53 -14.97 -12.19 -6.53
N GLU C 54 -16.08 -11.57 -6.95
CA GLU C 54 -16.22 -11.10 -8.32
C GLU C 54 -15.14 -10.02 -8.56
N PRO C 55 -14.81 -9.76 -9.84
CA PRO C 55 -13.77 -8.76 -10.13
C PRO C 55 -13.94 -7.46 -9.35
N CYS C 56 -12.88 -7.03 -8.69
CA CYS C 56 -12.86 -5.76 -7.98
C CYS C 56 -11.45 -5.17 -8.06
N ALA C 57 -11.33 -3.92 -7.60
CA ALA C 57 -10.03 -3.28 -7.55
C ALA C 57 -9.93 -2.31 -6.40
N LEU C 58 -8.78 -2.34 -5.74
CA LEU C 58 -8.43 -1.36 -4.73
C LEU C 58 -7.22 -0.58 -5.23
N CYS C 59 -7.37 0.74 -5.32
CA CYS C 59 -6.41 1.63 -5.98
C CYS C 59 -6.06 2.84 -5.15
N SER C 60 -4.92 3.44 -5.48
N SER C 60 -4.93 3.45 -5.52
CA SER C 60 -4.50 4.69 -4.86
CA SER C 60 -4.40 4.64 -4.88
C SER C 60 -3.90 5.59 -5.93
C SER C 60 -3.90 5.58 -5.96
N LEU C 61 -4.15 6.88 -5.81
CA LEU C 61 -3.52 7.92 -6.64
C LEU C 61 -2.88 8.92 -5.67
N HIS C 62 -1.54 9.02 -5.73
CA HIS C 62 -0.79 9.95 -4.91
C HIS C 62 -0.27 11.03 -5.85
N SER C 63 -0.42 12.29 -5.45
CA SER C 63 0.09 13.42 -6.23
C SER C 63 0.46 14.58 -5.31
N ILE C 64 1.47 15.33 -5.71
CA ILE C 64 1.80 16.57 -4.99
C ILE C 64 0.84 17.63 -5.52
N GLY C 65 -0.24 17.88 -4.79
CA GLY C 65 -1.31 18.73 -5.29
C GLY C 65 -2.11 18.04 -6.39
N LYS C 66 -2.96 18.83 -7.05
CA LYS C 66 -3.92 18.33 -8.04
C LYS C 66 -4.86 17.28 -7.46
N ILE C 67 -5.16 17.42 -6.17
CA ILE C 67 -6.06 16.55 -5.45
C ILE C 67 -7.09 17.48 -4.79
N GLY C 68 -8.36 17.15 -4.95
CA GLY C 68 -9.42 17.96 -4.35
C GLY C 68 -10.78 17.43 -4.73
N GLY C 69 -11.82 18.07 -4.20
CA GLY C 69 -13.20 17.58 -4.42
C GLY C 69 -13.59 17.31 -5.84
N ALA C 70 -13.52 18.32 -6.71
CA ALA C 70 -13.93 18.18 -8.13
C ALA C 70 -12.92 17.35 -8.92
N GLN C 71 -11.63 17.54 -8.65
CA GLN C 71 -10.62 16.81 -9.40
C GLN C 71 -10.76 15.30 -9.17
N ASN C 72 -11.00 14.92 -7.92
CA ASN C 72 -11.10 13.51 -7.54
C ASN C 72 -12.33 12.85 -8.18
N ARG C 73 -13.43 13.60 -8.25
CA ARG C 73 -14.62 13.13 -8.98
C ARG C 73 -14.27 12.84 -10.44
N SER C 74 -13.55 13.77 -11.08
CA SER C 74 -13.10 13.57 -12.46
CA SER C 74 -13.12 13.57 -12.46
C SER C 74 -12.16 12.37 -12.56
N TYR C 75 -11.17 12.29 -11.66
CA TYR C 75 -10.23 11.13 -11.67
C TYR C 75 -10.98 9.81 -11.54
N SER C 76 -11.97 9.77 -10.64
CA SER C 76 -12.74 8.55 -10.39
C SER C 76 -13.53 8.10 -11.62
N LYS C 77 -14.13 9.05 -12.33
CA LYS C 77 -14.84 8.72 -13.57
C LYS C 77 -13.87 8.18 -14.62
N LEU C 78 -12.74 8.87 -14.80
CA LEU C 78 -11.70 8.41 -15.72
C LEU C 78 -11.20 7.02 -15.38
N LEU C 79 -10.81 6.82 -14.12
CA LEU C 79 -10.18 5.56 -13.73
C LEU C 79 -11.16 4.39 -13.65
N CYS C 80 -12.37 4.63 -13.16
CA CYS C 80 -13.39 3.57 -13.16
C CYS C 80 -13.73 3.20 -14.60
N GLY C 81 -13.81 4.21 -15.48
CA GLY C 81 -14.05 3.98 -16.91
C GLY C 81 -13.02 3.07 -17.55
N LEU C 82 -11.73 3.34 -17.29
CA LEU C 82 -10.63 2.49 -17.79
C LEU C 82 -10.63 1.07 -17.20
N LEU C 83 -10.89 0.96 -15.91
CA LEU C 83 -10.95 -0.36 -15.27
C LEU C 83 -12.15 -1.18 -15.80
N ALA C 84 -13.27 -0.51 -16.08
CA ALA C 84 -14.43 -1.17 -16.66
C ALA C 84 -14.16 -1.63 -18.08
N GLU C 85 -13.62 -0.73 -18.91
CA GLU C 85 -13.32 -1.05 -20.31
C GLU C 85 -12.20 -2.08 -20.47
N ARG C 86 -11.08 -1.91 -19.76
CA ARG C 86 -9.91 -2.76 -19.96
C ARG C 86 -9.87 -4.01 -19.10
N LEU C 87 -10.32 -3.93 -17.85
CA LEU C 87 -10.29 -5.08 -16.95
C LEU C 87 -11.66 -5.69 -16.69
N ARG C 88 -12.73 -5.10 -17.23
CA ARG C 88 -14.09 -5.63 -17.04
C ARG C 88 -14.48 -5.64 -15.55
N ILE C 89 -14.04 -4.62 -14.81
CA ILE C 89 -14.40 -4.42 -13.41
C ILE C 89 -15.48 -3.35 -13.32
N SER C 90 -16.58 -3.70 -12.66
CA SER C 90 -17.69 -2.80 -12.43
C SER C 90 -17.25 -1.62 -11.53
N PRO C 91 -17.59 -0.36 -11.92
CA PRO C 91 -17.23 0.81 -11.10
C PRO C 91 -17.61 0.75 -9.64
N ASP C 92 -18.72 0.07 -9.30
CA ASP C 92 -19.12 -0.05 -7.90
C ASP C 92 -18.35 -1.12 -7.13
N ARG C 93 -17.42 -1.79 -7.78
CA ARG C 93 -16.48 -2.68 -7.10
C ARG C 93 -15.05 -2.14 -7.17
N VAL C 94 -14.92 -0.82 -7.20
CA VAL C 94 -13.62 -0.14 -7.24
C VAL C 94 -13.61 0.91 -6.13
N TYR C 95 -12.53 0.89 -5.32
CA TYR C 95 -12.18 2.02 -4.46
C TYR C 95 -10.88 2.63 -4.97
N ILE C 96 -10.83 3.96 -4.98
CA ILE C 96 -9.59 4.70 -5.28
C ILE C 96 -9.35 5.67 -4.13
N ASN C 97 -8.28 5.46 -3.39
CA ASN C 97 -7.90 6.42 -2.37
C ASN C 97 -6.99 7.49 -2.95
N TYR C 98 -7.30 8.75 -2.66
CA TYR C 98 -6.55 9.90 -3.14
C TYR C 98 -5.73 10.51 -2.01
N TYR C 99 -4.46 10.80 -2.31
CA TYR C 99 -3.52 11.34 -1.35
C TYR C 99 -2.84 12.56 -1.95
N ASP C 100 -3.03 13.71 -1.28
CA ASP C 100 -2.32 14.95 -1.60
C ASP C 100 -1.01 14.95 -0.78
N MET C 101 0.11 14.66 -1.42
CA MET C 101 1.40 14.59 -0.74
C MET C 101 2.04 15.98 -0.69
N ASN C 102 2.69 16.28 0.45
CA ASN C 102 3.55 17.43 0.58
C ASN C 102 4.85 17.08 -0.17
N ALA C 103 5.40 18.04 -0.91
CA ALA C 103 6.63 17.81 -1.69
C ALA C 103 7.78 17.27 -0.84
N ALA C 104 7.88 17.75 0.40
CA ALA C 104 8.91 17.32 1.35
C ALA C 104 8.80 15.85 1.75
N ASN C 105 7.63 15.26 1.54
CA ASN C 105 7.38 13.87 1.91
C ASN C 105 7.39 12.92 0.71
N VAL C 106 7.87 13.39 -0.44
CA VAL C 106 8.12 12.51 -1.57
C VAL C 106 9.60 12.53 -1.91
N GLY C 107 10.25 11.39 -1.68
CA GLY C 107 11.64 11.21 -2.01
C GLY C 107 11.82 10.77 -3.45
N TRP C 108 12.97 11.15 -4.01
CA TRP C 108 13.31 10.85 -5.40
C TRP C 108 14.73 11.29 -5.64
N ASN C 109 15.49 10.46 -6.36
CA ASN C 109 16.83 10.83 -6.79
C ASN C 109 17.73 11.36 -5.67
N ASN C 110 17.79 10.62 -4.56
CA ASN C 110 18.62 10.98 -3.38
C ASN C 110 18.18 12.18 -2.56
N SER C 111 17.05 12.77 -2.88
CA SER C 111 16.55 13.93 -2.14
C SER C 111 15.01 13.85 -2.09
N THR C 112 14.35 15.00 -1.93
CA THR C 112 12.90 15.09 -2.05
C THR C 112 12.52 16.13 -3.09
N PHE C 113 11.23 16.23 -3.34
CA PHE C 113 10.71 17.27 -4.25
C PHE C 113 10.55 18.65 -3.63
N ALA C 114 10.80 18.80 -2.33
CA ALA C 114 10.68 20.13 -1.69
C ALA C 114 11.60 21.15 -2.33
#